data_7YJI
#
_entry.id   7YJI
#
_cell.length_a   93.660
_cell.length_b   93.660
_cell.length_c   136.260
_cell.angle_alpha   90.000
_cell.angle_beta   90.000
_cell.angle_gamma   90.000
#
_symmetry.space_group_name_H-M   'I 4 2 2'
#
loop_
_entity.id
_entity.type
_entity.pdbx_description
1 polymer 'T4SS effector Lpg1083'
2 non-polymer 'ACETATE ION'
3 water water
#
_entity_poly.entity_id   1
_entity_poly.type   'polypeptide(L)'
_entity_poly.pdbx_seq_one_letter_code
;MGHHHHHHMALIDQITTINKNEFTDDFLRKYFELGFGSLSKHDIDLLVYYLVKEHSDLFNGKTNYEISSLLTITERKLQS
IQMESYLRYENNSISKNLEELSVKITKGEIKPEVEGDKIRVLIDSPVLRRDLEYSITSLGHIVDYSFNKNILSLRLSNFF
EVFGNLNIENGKELKTQVIDFFREQNKWDKEILIEIENKSWWIKQFNTLQAAVKKEAAALIFHSIISMVKSHIGI
;
_entity_poly.pdbx_strand_id   A
#
# COMPACT_ATOMS: atom_id res chain seq x y z
N MET A 9 6.82 27.28 -16.76
CA MET A 9 6.04 26.05 -16.63
C MET A 9 6.13 25.50 -15.22
N ALA A 10 5.00 25.52 -14.51
CA ALA A 10 4.96 24.95 -13.16
C ALA A 10 5.45 23.51 -13.13
N LEU A 11 5.48 22.85 -14.29
CA LEU A 11 5.93 21.47 -14.41
C LEU A 11 7.44 21.35 -14.40
N ILE A 12 8.12 21.82 -15.45
CA ILE A 12 9.51 21.45 -15.64
C ILE A 12 10.45 22.09 -14.63
N ASP A 13 10.02 23.12 -13.91
CA ASP A 13 10.88 23.60 -12.83
C ASP A 13 10.43 23.10 -11.45
N GLN A 14 9.26 22.46 -11.37
CA GLN A 14 8.98 21.64 -10.19
C GLN A 14 9.96 20.48 -10.08
N ILE A 15 10.68 20.16 -11.17
CA ILE A 15 11.74 19.16 -11.12
C ILE A 15 12.94 19.81 -10.44
N THR A 16 13.28 19.31 -9.26
CA THR A 16 14.40 19.81 -8.49
C THR A 16 15.66 18.99 -8.73
N THR A 17 15.52 17.82 -9.35
CA THR A 17 16.66 16.99 -9.72
C THR A 17 16.25 15.92 -10.73
N ILE A 18 17.14 15.65 -11.66
CA ILE A 18 16.85 14.80 -12.80
C ILE A 18 18.17 14.42 -13.44
N ASN A 19 18.34 13.14 -13.75
CA ASN A 19 19.50 12.69 -14.49
C ASN A 19 19.14 12.87 -15.97
N LYS A 20 19.52 14.03 -16.51
CA LYS A 20 19.18 14.35 -17.90
C LYS A 20 19.92 13.48 -18.89
N ASN A 21 21.10 12.95 -18.53
CA ASN A 21 21.84 12.10 -19.46
C ASN A 21 21.09 10.80 -19.71
N GLU A 22 20.65 10.16 -18.65
CA GLU A 22 19.93 8.91 -18.79
C GLU A 22 18.47 9.09 -19.17
N PHE A 23 17.87 10.25 -18.89
CA PHE A 23 16.56 10.54 -19.47
C PHE A 23 16.64 10.53 -21.00
N THR A 24 17.62 11.24 -21.56
CA THR A 24 17.84 11.26 -23.00
C THR A 24 18.19 9.88 -23.54
N ASP A 25 19.23 9.25 -22.97
CA ASP A 25 19.64 7.91 -23.42
C ASP A 25 18.48 6.94 -23.38
N ASP A 26 17.73 6.92 -22.27
CA ASP A 26 16.61 5.99 -22.15
C ASP A 26 15.51 6.30 -23.16
N PHE A 27 15.17 7.57 -23.32
CA PHE A 27 14.11 7.92 -24.27
C PHE A 27 14.46 7.43 -25.67
N LEU A 28 15.71 7.68 -26.09
CA LEU A 28 16.12 7.32 -27.44
C LEU A 28 16.11 5.81 -27.65
N ARG A 29 16.60 5.05 -26.67
CA ARG A 29 16.59 3.60 -26.82
C ARG A 29 15.17 3.09 -27.00
N LYS A 30 14.22 3.60 -26.21
CA LYS A 30 12.87 3.06 -26.27
C LYS A 30 12.05 3.68 -27.39
N TYR A 31 12.22 4.98 -27.67
CA TYR A 31 11.48 5.55 -28.80
C TYR A 31 11.82 4.83 -30.11
N PHE A 32 13.10 4.50 -30.29
CA PHE A 32 13.63 3.97 -31.55
C PHE A 32 13.74 2.45 -31.57
N GLU A 33 13.20 1.76 -30.56
CA GLU A 33 13.36 0.31 -30.51
C GLU A 33 12.86 -0.38 -31.78
N LEU A 34 11.69 0.00 -32.29
CA LEU A 34 11.18 -0.57 -33.53
C LEU A 34 11.31 0.36 -34.72
N GLY A 35 12.05 1.43 -34.58
CA GLY A 35 12.16 2.37 -35.68
C GLY A 35 11.42 3.66 -35.40
N PHE A 36 11.85 4.72 -36.08
CA PHE A 36 11.20 6.00 -35.98
C PHE A 36 9.72 5.89 -36.28
N GLY A 37 8.89 6.52 -35.44
CA GLY A 37 7.48 6.55 -35.71
C GLY A 37 6.75 5.23 -35.52
N SER A 38 7.32 4.27 -34.81
CA SER A 38 6.64 2.99 -34.61
C SER A 38 5.74 2.96 -33.36
N LEU A 39 5.97 3.84 -32.38
CA LEU A 39 5.19 3.85 -31.14
C LEU A 39 3.96 4.72 -31.28
N SER A 40 2.84 4.24 -30.74
CA SER A 40 1.61 5.02 -30.72
C SER A 40 1.73 6.17 -29.72
N LYS A 41 0.81 7.13 -29.83
CA LYS A 41 0.75 8.20 -28.84
C LYS A 41 0.65 7.61 -27.42
N HIS A 42 -0.23 6.63 -27.24
CA HIS A 42 -0.42 6.04 -25.91
C HIS A 42 0.87 5.37 -25.42
N ASP A 43 1.56 4.63 -26.31
CA ASP A 43 2.86 4.05 -25.98
C ASP A 43 3.84 5.11 -25.51
N ILE A 44 3.87 6.24 -26.19
CA ILE A 44 4.80 7.30 -25.84
C ILE A 44 4.42 7.93 -24.50
N ASP A 45 3.12 8.13 -24.26
CA ASP A 45 2.70 8.70 -22.97
C ASP A 45 3.13 7.80 -21.81
N LEU A 46 3.00 6.47 -21.96
CA LEU A 46 3.48 5.53 -20.93
C LEU A 46 4.99 5.63 -20.74
N LEU A 47 5.73 5.72 -21.85
CA LEU A 47 7.17 5.91 -21.81
C LEU A 47 7.53 7.18 -21.04
N VAL A 48 6.89 8.30 -21.39
CA VAL A 48 7.25 9.56 -20.74
C VAL A 48 6.98 9.47 -19.24
N TYR A 49 5.82 8.93 -18.86
CA TYR A 49 5.53 8.80 -17.44
C TYR A 49 6.62 7.99 -16.74
N TYR A 50 6.99 6.84 -17.32
CA TYR A 50 8.06 6.02 -16.77
C TYR A 50 9.37 6.81 -16.67
N LEU A 51 9.70 7.57 -17.73
CA LEU A 51 10.98 8.30 -17.75
C LEU A 51 11.02 9.37 -16.66
N VAL A 52 9.93 10.11 -16.46
CA VAL A 52 9.91 11.13 -15.41
C VAL A 52 10.01 10.48 -14.03
N LYS A 53 9.41 9.31 -13.88
CA LYS A 53 9.38 8.62 -12.59
C LYS A 53 10.71 7.95 -12.28
N GLU A 54 11.37 7.40 -13.31
CA GLU A 54 12.64 6.72 -13.11
C GLU A 54 13.81 7.71 -13.00
N HIS A 55 13.77 8.83 -13.73
CA HIS A 55 14.97 9.65 -13.89
C HIS A 55 14.86 11.02 -13.25
N SER A 56 13.78 11.31 -12.53
CA SER A 56 13.65 12.56 -11.81
C SER A 56 13.00 12.28 -10.47
N ASP A 57 12.92 13.32 -9.65
CA ASP A 57 12.21 13.30 -8.38
C ASP A 57 10.86 14.00 -8.46
N LEU A 58 10.36 14.24 -9.67
CA LEU A 58 9.16 15.05 -9.84
C LEU A 58 7.98 14.49 -9.07
N PHE A 59 7.77 13.18 -9.13
CA PHE A 59 6.62 12.54 -8.49
C PHE A 59 6.87 12.17 -7.04
N ASN A 60 8.08 12.44 -6.52
CA ASN A 60 8.47 11.91 -5.22
C ASN A 60 7.66 12.57 -4.11
N GLY A 61 7.07 11.75 -3.25
CA GLY A 61 6.37 12.26 -2.08
C GLY A 61 5.11 13.03 -2.39
N LYS A 62 4.58 12.91 -3.61
CA LYS A 62 3.36 13.59 -3.99
C LYS A 62 2.20 12.61 -4.03
N THR A 63 1.03 13.12 -3.68
CA THR A 63 -0.21 12.36 -3.73
C THR A 63 -0.72 12.28 -5.17
N ASN A 64 -1.66 11.36 -5.40
CA ASN A 64 -2.27 11.25 -6.72
C ASN A 64 -2.93 12.56 -7.14
N TYR A 65 -3.55 13.26 -6.19
CA TYR A 65 -4.16 14.55 -6.52
C TYR A 65 -3.10 15.51 -7.06
N GLU A 66 -1.93 15.54 -6.41
CA GLU A 66 -0.90 16.48 -6.83
C GLU A 66 -0.32 16.09 -8.19
N ILE A 67 -0.05 14.80 -8.40
CA ILE A 67 0.52 14.36 -9.68
C ILE A 67 -0.47 14.61 -10.81
N SER A 68 -1.75 14.28 -10.58
CA SER A 68 -2.73 14.52 -11.64
C SER A 68 -2.82 16.01 -11.98
N SER A 69 -2.82 16.88 -10.95
CA SER A 69 -2.78 18.32 -11.21
C SER A 69 -1.52 18.71 -11.97
N LEU A 70 -0.36 18.20 -11.57
CA LEU A 70 0.88 18.47 -12.32
C LEU A 70 0.77 18.07 -13.79
N LEU A 71 0.17 16.92 -14.06
CA LEU A 71 0.09 16.40 -15.41
C LEU A 71 -1.11 16.91 -16.19
N THR A 72 -2.02 17.64 -15.54
CA THR A 72 -3.23 18.14 -16.20
C THR A 72 -4.11 16.99 -16.70
N ILE A 73 -4.29 15.95 -15.87
CA ILE A 73 -5.12 14.81 -16.25
C ILE A 73 -5.93 14.37 -15.04
N THR A 74 -6.99 13.61 -15.29
CA THR A 74 -7.84 13.21 -14.15
C THR A 74 -7.13 12.15 -13.31
N GLU A 75 -7.58 12.01 -12.05
CA GLU A 75 -7.06 10.95 -11.21
C GLU A 75 -7.32 9.57 -11.81
N ARG A 76 -8.46 9.40 -12.49
CA ARG A 76 -8.74 8.12 -13.14
C ARG A 76 -7.77 7.82 -14.28
N LYS A 77 -7.46 8.83 -15.09
CA LYS A 77 -6.47 8.61 -16.15
C LYS A 77 -5.10 8.33 -15.56
N LEU A 78 -4.72 9.08 -14.52
CA LEU A 78 -3.42 8.88 -13.90
C LEU A 78 -3.25 7.43 -13.43
N GLN A 79 -4.28 6.88 -12.80
CA GLN A 79 -4.21 5.52 -12.28
C GLN A 79 -3.96 4.50 -13.39
N SER A 80 -4.66 4.64 -14.51
CA SER A 80 -4.43 3.77 -15.66
C SER A 80 -3.01 3.94 -16.19
N ILE A 81 -2.57 5.19 -16.36
CA ILE A 81 -1.21 5.44 -16.85
C ILE A 81 -0.18 4.84 -15.92
N GLN A 82 -0.34 5.04 -14.61
CA GLN A 82 0.65 4.54 -13.66
C GLN A 82 0.76 3.02 -13.76
N MET A 83 -0.38 2.32 -13.79
CA MET A 83 -0.34 0.86 -13.84
C MET A 83 0.22 0.37 -15.15
N GLU A 84 -0.30 0.89 -16.28
CA GLU A 84 0.13 0.40 -17.58
C GLU A 84 1.61 0.62 -17.81
N SER A 85 2.13 1.77 -17.37
CA SER A 85 3.55 2.10 -17.51
C SER A 85 4.40 1.21 -16.61
N TYR A 86 3.99 1.03 -15.36
CA TYR A 86 4.71 0.11 -14.46
C TYR A 86 4.79 -1.27 -15.07
N LEU A 87 3.66 -1.80 -15.55
CA LEU A 87 3.68 -3.13 -16.13
C LEU A 87 4.59 -3.19 -17.35
N ARG A 88 4.62 -2.12 -18.16
CA ARG A 88 5.43 -2.18 -19.38
C ARG A 88 6.92 -2.10 -19.08
N TYR A 89 7.32 -1.20 -18.19
CA TYR A 89 8.71 -0.81 -18.09
C TYR A 89 9.38 -1.16 -16.77
N GLU A 90 8.66 -1.66 -15.77
CA GLU A 90 9.24 -1.94 -14.48
C GLU A 90 8.98 -3.39 -14.10
N ASN A 91 9.72 -3.86 -13.11
CA ASN A 91 9.50 -5.19 -12.57
C ASN A 91 9.73 -5.11 -11.08
N ASN A 92 8.72 -5.48 -10.29
CA ASN A 92 8.92 -5.66 -8.86
C ASN A 92 8.22 -6.92 -8.40
N SER A 93 8.82 -7.58 -7.42
CA SER A 93 8.14 -8.69 -6.79
C SER A 93 6.99 -8.17 -5.94
N ILE A 94 5.98 -9.03 -5.79
CA ILE A 94 4.96 -8.79 -4.78
C ILE A 94 5.62 -8.54 -3.42
N SER A 95 6.69 -9.29 -3.11
CA SER A 95 7.35 -9.17 -1.83
C SER A 95 7.91 -7.77 -1.62
N LYS A 96 8.52 -7.19 -2.65
CA LYS A 96 9.08 -5.86 -2.51
C LYS A 96 7.99 -4.80 -2.39
N ASN A 97 6.87 -5.00 -3.08
CA ASN A 97 5.80 -4.01 -2.97
C ASN A 97 5.13 -4.09 -1.61
N LEU A 98 4.90 -5.30 -1.11
CA LEU A 98 4.36 -5.44 0.24
C LEU A 98 5.28 -4.81 1.26
N GLU A 99 6.60 -4.99 1.09
CA GLU A 99 7.54 -4.40 2.05
C GLU A 99 7.51 -2.88 1.96
N GLU A 100 7.34 -2.32 0.75
CA GLU A 100 7.25 -0.87 0.62
C GLU A 100 6.01 -0.34 1.33
N LEU A 101 4.88 -1.04 1.17
CA LEU A 101 3.68 -0.72 1.93
C LEU A 101 3.96 -0.71 3.43
N SER A 102 4.62 -1.76 3.93
CA SER A 102 4.95 -1.83 5.35
C SER A 102 5.77 -0.63 5.79
N VAL A 103 6.77 -0.23 4.99
CA VAL A 103 7.65 0.86 5.42
C VAL A 103 6.90 2.18 5.44
N LYS A 104 6.02 2.40 4.46
CA LYS A 104 5.14 3.57 4.47
C LYS A 104 4.31 3.65 5.74
N ILE A 105 3.93 2.51 6.32
CA ILE A 105 3.20 2.56 7.58
C ILE A 105 4.13 2.98 8.71
N THR A 106 5.33 2.39 8.77
CA THR A 106 6.26 2.77 9.82
C THR A 106 6.62 4.25 9.74
N LYS A 107 6.72 4.79 8.52
CA LYS A 107 7.09 6.19 8.33
C LYS A 107 5.94 7.15 8.61
N GLY A 108 4.72 6.65 8.74
CA GLY A 108 3.58 7.50 8.93
C GLY A 108 3.00 8.08 7.65
N GLU A 109 3.54 7.71 6.48
CA GLU A 109 2.95 8.13 5.22
C GLU A 109 1.59 7.49 4.99
N ILE A 110 1.38 6.31 5.58
CA ILE A 110 0.08 5.63 5.57
C ILE A 110 -0.28 5.36 7.02
N LYS A 111 -1.48 5.74 7.43
CA LYS A 111 -1.87 5.60 8.82
C LYS A 111 -3.11 4.74 8.92
N PRO A 112 -2.97 3.44 9.19
CA PRO A 112 -4.14 2.58 9.37
C PRO A 112 -4.97 3.04 10.57
N GLU A 113 -6.29 2.89 10.47
CA GLU A 113 -7.19 3.28 11.56
C GLU A 113 -8.32 2.27 11.69
N VAL A 114 -8.63 1.89 12.93
CA VAL A 114 -9.70 0.94 13.23
C VAL A 114 -11.00 1.70 13.49
N GLU A 115 -12.08 1.27 12.85
CA GLU A 115 -13.40 1.80 13.12
C GLU A 115 -14.36 0.63 13.24
N GLY A 116 -14.94 0.47 14.42
CA GLY A 116 -15.76 -0.72 14.66
C GLY A 116 -14.92 -1.97 14.50
N ASP A 117 -15.47 -2.94 13.76
CA ASP A 117 -14.84 -4.21 13.45
C ASP A 117 -14.05 -4.17 12.13
N LYS A 118 -13.55 -3.02 11.73
CA LYS A 118 -12.84 -2.90 10.46
C LYS A 118 -11.58 -2.08 10.64
N ILE A 119 -10.52 -2.46 9.94
CA ILE A 119 -9.32 -1.65 9.85
C ILE A 119 -9.25 -1.07 8.45
N ARG A 120 -8.93 0.22 8.36
CA ARG A 120 -8.97 0.94 7.10
C ARG A 120 -7.59 1.51 6.81
N VAL A 121 -7.22 1.48 5.53
CA VAL A 121 -5.87 1.80 5.06
C VAL A 121 -6.01 2.51 3.72
N LEU A 122 -5.58 3.77 3.67
CA LEU A 122 -5.58 4.49 2.39
C LEU A 122 -4.34 4.05 1.61
N ILE A 123 -4.53 3.51 0.41
CA ILE A 123 -3.42 3.09 -0.44
C ILE A 123 -3.57 3.79 -1.79
N ASP A 124 -2.80 4.88 -1.96
CA ASP A 124 -2.94 5.73 -3.14
C ASP A 124 -2.34 5.07 -4.39
N SER A 125 -1.28 4.31 -4.22
CA SER A 125 -0.59 3.65 -5.34
C SER A 125 -1.41 2.52 -5.90
N PRO A 126 -1.83 2.56 -7.16
CA PRO A 126 -2.52 1.41 -7.76
C PRO A 126 -1.65 0.19 -7.87
N VAL A 127 -0.32 0.36 -7.93
CA VAL A 127 0.57 -0.79 -7.98
C VAL A 127 0.57 -1.51 -6.65
N LEU A 128 0.65 -0.78 -5.55
CA LEU A 128 0.64 -1.42 -4.23
C LEU A 128 -0.73 -2.01 -3.93
N ARG A 129 -1.79 -1.27 -4.29
CA ARG A 129 -3.15 -1.77 -4.11
C ARG A 129 -3.35 -3.09 -4.83
N ARG A 130 -2.87 -3.20 -6.07
CA ARG A 130 -3.03 -4.42 -6.85
C ARG A 130 -2.32 -5.60 -6.19
N ASP A 131 -1.08 -5.40 -5.75
CA ASP A 131 -0.33 -6.52 -5.18
C ASP A 131 -0.86 -6.91 -3.81
N LEU A 132 -1.31 -5.94 -3.02
CA LEU A 132 -1.90 -6.27 -1.72
C LEU A 132 -3.17 -7.09 -1.91
N GLU A 133 -4.09 -6.59 -2.75
CA GLU A 133 -5.35 -7.29 -2.99
C GLU A 133 -5.14 -8.69 -3.55
N TYR A 134 -4.19 -8.83 -4.48
CA TYR A 134 -3.92 -10.14 -5.05
C TYR A 134 -3.36 -11.08 -4.01
N SER A 135 -2.31 -10.62 -3.32
CA SER A 135 -1.65 -11.48 -2.34
C SER A 135 -2.57 -11.82 -1.18
N ILE A 136 -3.33 -10.84 -0.68
CA ILE A 136 -4.16 -11.14 0.48
C ILE A 136 -5.33 -12.04 0.11
N THR A 137 -5.77 -12.04 -1.15
CA THR A 137 -6.84 -12.93 -1.59
C THR A 137 -6.34 -14.22 -2.18
N SER A 138 -5.03 -14.49 -2.12
CA SER A 138 -4.47 -15.73 -2.63
C SER A 138 -4.12 -16.72 -1.51
N LEU A 139 -4.74 -16.58 -0.35
CA LEU A 139 -4.41 -17.43 0.80
C LEU A 139 -5.36 -18.61 0.96
N GLY A 140 -6.18 -18.90 -0.05
CA GLY A 140 -7.03 -20.08 -0.02
C GLY A 140 -8.41 -19.86 0.54
N HIS A 141 -8.74 -18.64 0.95
CA HIS A 141 -10.02 -18.33 1.57
C HIS A 141 -10.49 -16.98 1.06
N ILE A 142 -11.81 -16.85 0.89
CA ILE A 142 -12.39 -15.55 0.56
C ILE A 142 -12.18 -14.60 1.73
N VAL A 143 -11.76 -13.38 1.43
CA VAL A 143 -11.42 -12.36 2.43
C VAL A 143 -12.57 -11.36 2.50
N ASP A 144 -12.94 -10.97 3.72
CA ASP A 144 -13.99 -9.98 3.97
C ASP A 144 -13.38 -8.59 3.90
N TYR A 145 -13.49 -7.93 2.75
CA TYR A 145 -12.86 -6.62 2.57
C TYR A 145 -13.61 -5.84 1.50
N SER A 146 -13.35 -4.54 1.45
CA SER A 146 -13.84 -3.72 0.34
C SER A 146 -12.93 -2.52 0.18
N PHE A 147 -13.09 -1.84 -0.96
CA PHE A 147 -12.39 -0.60 -1.27
C PHE A 147 -13.39 0.53 -1.47
N ASN A 148 -13.15 1.65 -0.81
CA ASN A 148 -13.90 2.90 -1.02
C ASN A 148 -12.91 3.87 -1.62
N LYS A 149 -12.99 4.07 -2.94
CA LYS A 149 -11.89 4.64 -3.69
C LYS A 149 -10.62 3.88 -3.36
N ASN A 150 -9.67 4.52 -2.70
CA ASN A 150 -8.38 3.91 -2.43
C ASN A 150 -8.24 3.46 -0.98
N ILE A 151 -9.33 3.46 -0.22
CA ILE A 151 -9.31 3.05 1.18
C ILE A 151 -9.71 1.58 1.25
N LEU A 152 -8.79 0.73 1.64
CA LEU A 152 -9.12 -0.65 1.95
C LEU A 152 -9.79 -0.72 3.33
N SER A 153 -10.93 -1.39 3.41
CA SER A 153 -11.58 -1.73 4.68
C SER A 153 -11.57 -3.24 4.84
N LEU A 154 -11.00 -3.71 5.94
CA LEU A 154 -10.80 -5.13 6.21
C LEU A 154 -11.45 -5.49 7.53
N ARG A 155 -12.31 -6.52 7.53
CA ARG A 155 -13.04 -6.91 8.74
C ARG A 155 -12.11 -7.66 9.68
N LEU A 156 -11.94 -7.14 10.90
CA LEU A 156 -10.92 -7.67 11.82
C LEU A 156 -11.31 -9.04 12.37
N SER A 157 -12.47 -9.12 13.03
CA SER A 157 -12.89 -10.37 13.67
C SER A 157 -12.80 -11.54 12.70
N ASN A 158 -13.35 -11.35 11.50
CA ASN A 158 -13.36 -12.45 10.53
C ASN A 158 -11.96 -12.77 10.02
N PHE A 159 -11.09 -11.77 9.88
CA PHE A 159 -9.74 -12.04 9.38
C PHE A 159 -8.94 -12.90 10.35
N PHE A 160 -8.98 -12.58 11.65
CA PHE A 160 -8.22 -13.35 12.62
C PHE A 160 -8.83 -14.73 12.82
N GLU A 161 -10.16 -14.84 12.78
CA GLU A 161 -10.78 -16.15 12.86
C GLU A 161 -10.33 -17.05 11.70
N VAL A 162 -10.27 -16.50 10.49
CA VAL A 162 -9.95 -17.32 9.31
C VAL A 162 -8.45 -17.50 9.14
N PHE A 163 -7.66 -16.44 9.30
CA PHE A 163 -6.24 -16.50 8.99
C PHE A 163 -5.34 -16.37 10.23
N GLY A 164 -5.90 -16.28 11.43
CA GLY A 164 -5.11 -16.01 12.63
C GLY A 164 -4.03 -17.03 12.92
N ASN A 165 -4.10 -18.22 12.33
CA ASN A 165 -3.11 -19.27 12.62
C ASN A 165 -1.88 -19.22 11.74
N LEU A 166 -1.88 -18.44 10.66
CA LEU A 166 -0.78 -18.43 9.72
C LEU A 166 0.40 -17.65 10.29
N ASN A 167 1.61 -18.14 9.99
CA ASN A 167 2.82 -17.56 10.54
C ASN A 167 3.10 -16.19 9.92
N ILE A 168 3.73 -15.32 10.69
CA ILE A 168 4.27 -14.08 10.16
C ILE A 168 5.76 -14.27 9.99
N GLU A 169 6.46 -13.22 9.53
CA GLU A 169 7.86 -13.37 9.14
C GLU A 169 8.74 -13.82 10.29
N ASN A 170 8.48 -13.34 11.51
CA ASN A 170 9.27 -13.78 12.65
C ASN A 170 8.79 -15.11 13.23
N GLY A 171 8.07 -15.92 12.46
CA GLY A 171 7.72 -17.26 12.87
C GLY A 171 6.51 -17.39 13.76
N LYS A 172 6.11 -16.33 14.45
CA LYS A 172 4.94 -16.40 15.33
C LYS A 172 3.64 -16.40 14.54
N GLU A 173 2.60 -16.97 15.14
CA GLU A 173 1.28 -16.92 14.52
C GLU A 173 0.75 -15.49 14.53
N LEU A 174 -0.01 -15.16 13.49
CA LEU A 174 -0.56 -13.80 13.35
C LEU A 174 -1.37 -13.40 14.59
N LYS A 175 -2.30 -14.25 15.02
CA LYS A 175 -3.12 -13.92 16.18
C LYS A 175 -2.26 -13.74 17.42
N THR A 176 -1.18 -14.54 17.54
CA THR A 176 -0.28 -14.43 18.68
C THR A 176 0.39 -13.07 18.75
N GLN A 177 0.87 -12.58 17.61
CA GLN A 177 1.58 -11.30 17.60
C GLN A 177 0.63 -10.15 17.95
N VAL A 178 -0.62 -10.24 17.51
CA VAL A 178 -1.56 -9.17 17.79
C VAL A 178 -2.00 -9.21 19.25
N ILE A 179 -2.24 -10.41 19.78
CA ILE A 179 -2.59 -10.52 21.19
C ILE A 179 -1.45 -10.01 22.07
N ASP A 180 -0.22 -10.38 21.72
CA ASP A 180 0.93 -9.93 22.50
C ASP A 180 1.01 -8.41 22.53
N PHE A 181 0.56 -7.73 21.49
CA PHE A 181 0.55 -6.27 21.56
C PHE A 181 -0.42 -5.78 22.63
N PHE A 182 -1.62 -6.37 22.68
CA PHE A 182 -2.62 -5.88 23.62
C PHE A 182 -2.20 -6.12 25.06
N ARG A 183 -1.45 -7.20 25.32
CA ARG A 183 -0.96 -7.46 26.67
C ARG A 183 -0.03 -6.33 27.13
N GLU A 184 0.97 -6.01 26.31
CA GLU A 184 1.91 -4.95 26.65
C GLU A 184 1.18 -3.65 26.97
N GLN A 185 0.22 -3.28 26.13
CA GLN A 185 -0.47 -2.02 26.38
C GLN A 185 -1.36 -2.09 27.62
N ASN A 186 -1.77 -3.30 28.03
CA ASN A 186 -2.45 -3.45 29.31
C ASN A 186 -1.55 -3.08 30.48
N LYS A 187 -0.22 -3.06 30.29
CA LYS A 187 0.70 -2.71 31.36
C LYS A 187 0.56 -1.26 31.78
N TRP A 188 0.21 -0.36 30.85
CA TRP A 188 0.03 1.06 31.12
C TRP A 188 -1.38 1.58 30.83
N ASP A 189 -2.25 0.77 30.26
CA ASP A 189 -3.65 1.11 30.07
C ASP A 189 -4.50 0.26 31.02
N LYS A 190 -5.74 0.66 31.23
CA LYS A 190 -6.64 -0.17 32.02
C LYS A 190 -6.82 -1.52 31.35
N GLU A 191 -6.76 -2.59 32.15
CA GLU A 191 -6.73 -3.94 31.60
C GLU A 191 -8.04 -4.28 30.90
N ILE A 192 -7.94 -5.04 29.81
CA ILE A 192 -9.10 -5.57 29.09
C ILE A 192 -8.84 -7.05 28.79
N LEU A 193 -9.91 -7.82 28.75
CA LEU A 193 -9.85 -9.11 28.08
C LEU A 193 -9.44 -8.89 26.62
N ILE A 194 -8.93 -9.94 25.99
CA ILE A 194 -8.44 -9.88 24.63
C ILE A 194 -9.12 -10.99 23.85
N GLU A 195 -10.05 -10.62 22.95
CA GLU A 195 -10.80 -11.57 22.12
C GLU A 195 -10.83 -11.06 20.66
N ILE A 196 -9.71 -11.18 19.95
CA ILE A 196 -9.59 -10.51 18.66
C ILE A 196 -10.44 -11.15 17.56
N GLU A 197 -10.93 -12.37 17.75
CA GLU A 197 -11.84 -13.01 16.81
C GLU A 197 -13.30 -12.68 17.08
N ASN A 198 -13.58 -11.68 17.92
CA ASN A 198 -14.92 -11.37 18.39
C ASN A 198 -15.33 -10.00 17.87
N LYS A 199 -16.38 -9.97 17.04
CA LYS A 199 -16.83 -8.70 16.46
C LYS A 199 -17.17 -7.68 17.55
N SER A 200 -17.92 -8.10 18.58
CA SER A 200 -18.35 -7.16 19.61
C SER A 200 -17.17 -6.71 20.48
N TRP A 201 -16.10 -7.51 20.55
CA TRP A 201 -14.90 -7.04 21.23
C TRP A 201 -14.32 -5.81 20.55
N TRP A 202 -14.16 -5.86 19.23
CA TRP A 202 -13.65 -4.70 18.52
C TRP A 202 -14.59 -3.51 18.67
N ILE A 203 -15.91 -3.76 18.64
CA ILE A 203 -16.86 -2.67 18.59
C ILE A 203 -16.98 -1.98 19.95
N LYS A 204 -16.96 -2.73 21.03
CA LYS A 204 -17.16 -2.11 22.34
C LYS A 204 -15.87 -2.00 23.15
N GLN A 205 -15.16 -3.11 23.35
CA GLN A 205 -13.96 -3.07 24.19
C GLN A 205 -12.81 -2.33 23.52
N PHE A 206 -12.44 -2.68 22.28
CA PHE A 206 -11.33 -1.97 21.65
C PHE A 206 -11.62 -0.49 21.56
N ASN A 207 -12.86 -0.12 21.27
CA ASN A 207 -13.24 1.29 21.15
C ASN A 207 -12.97 2.08 22.43
N THR A 208 -12.88 1.39 23.58
CA THR A 208 -12.65 2.08 24.84
C THR A 208 -11.27 2.73 24.92
N LEU A 209 -10.28 2.15 24.23
CA LEU A 209 -8.90 2.52 24.44
C LEU A 209 -8.65 3.98 24.06
N GLN A 210 -7.53 4.51 24.53
CA GLN A 210 -7.13 5.87 24.21
C GLN A 210 -6.78 5.96 22.73
N ALA A 211 -7.07 7.13 22.13
CA ALA A 211 -6.90 7.29 20.70
C ALA A 211 -5.48 6.96 20.24
N ALA A 212 -4.49 7.15 21.11
CA ALA A 212 -3.11 6.86 20.74
C ALA A 212 -2.77 5.37 20.85
N VAL A 213 -3.40 4.66 21.80
CA VAL A 213 -3.28 3.21 21.80
C VAL A 213 -3.92 2.62 20.54
N LYS A 214 -5.10 3.11 20.18
CA LYS A 214 -5.80 2.58 19.01
C LYS A 214 -5.04 2.88 17.72
N LYS A 215 -4.43 4.07 17.63
CA LYS A 215 -3.61 4.40 16.48
C LYS A 215 -2.46 3.39 16.33
N GLU A 216 -1.73 3.18 17.41
CA GLU A 216 -0.59 2.26 17.41
C GLU A 216 -1.03 0.81 17.21
N ALA A 217 -2.17 0.42 17.77
CA ALA A 217 -2.68 -0.92 17.53
C ALA A 217 -2.94 -1.16 16.04
N ALA A 218 -3.52 -0.17 15.36
CA ALA A 218 -3.84 -0.34 13.95
C ALA A 218 -2.58 -0.46 13.08
N ALA A 219 -1.51 0.27 13.43
CA ALA A 219 -0.27 0.11 12.66
C ALA A 219 0.36 -1.25 12.89
N LEU A 220 0.36 -1.74 14.13
CA LEU A 220 0.92 -3.04 14.40
C LEU A 220 0.10 -4.15 13.76
N ILE A 221 -1.22 -4.04 13.80
CA ILE A 221 -2.08 -5.04 13.19
C ILE A 221 -1.81 -5.12 11.70
N PHE A 222 -1.74 -3.98 11.04
CA PHE A 222 -1.55 -4.04 9.60
C PHE A 222 -0.13 -4.48 9.25
N HIS A 223 0.88 -4.02 10.01
CA HIS A 223 2.23 -4.54 9.84
CA HIS A 223 2.23 -4.54 9.82
C HIS A 223 2.24 -6.06 9.92
N SER A 224 1.55 -6.61 10.92
CA SER A 224 1.52 -8.06 11.12
C SER A 224 0.74 -8.77 10.00
N ILE A 225 -0.37 -8.20 9.55
CA ILE A 225 -1.11 -8.80 8.44
C ILE A 225 -0.24 -8.86 7.19
N ILE A 226 0.43 -7.75 6.86
CA ILE A 226 1.35 -7.75 5.72
C ILE A 226 2.44 -8.79 5.92
N SER A 227 2.99 -8.84 7.13
CA SER A 227 4.04 -9.82 7.39
C SER A 227 3.52 -11.24 7.20
N MET A 228 2.27 -11.49 7.60
CA MET A 228 1.69 -12.80 7.38
C MET A 228 1.57 -13.10 5.89
N VAL A 229 1.07 -12.14 5.11
CA VAL A 229 0.89 -12.33 3.67
C VAL A 229 2.23 -12.54 2.97
N LYS A 230 3.26 -11.79 3.36
CA LYS A 230 4.59 -12.01 2.78
C LYS A 230 5.11 -13.40 3.10
N SER A 231 4.82 -13.93 4.29
CA SER A 231 5.26 -15.28 4.64
C SER A 231 4.59 -16.35 3.79
N HIS A 232 3.51 -16.03 3.09
CA HIS A 232 2.81 -17.07 2.35
C HIS A 232 2.75 -16.77 0.86
N ILE A 233 3.93 -16.64 0.25
CA ILE A 233 4.06 -16.43 -1.19
C ILE A 233 3.52 -15.06 -1.56
#